data_1OCJ
#
_entry.id   1OCJ
#
_cell.length_a   47.440
_cell.length_b   67.552
_cell.length_c   53.663
_cell.angle_alpha   90.00
_cell.angle_beta   110.87
_cell.angle_gamma   90.00
#
_symmetry.space_group_name_H-M   'P 1 21 1'
#
loop_
_entity.id
_entity.type
_entity.pdbx_description
1 polymer 'CELLOBIOHYDROLASE II'
2 branched 'beta-D-glucopyranose-(1-4)-1,4-dithio-beta-D-glucopyranose-(1-4)-1,4-dithio-beta-D-glucopyranose-(1-4)-4-thio-beta-D-glucopyranose-(1-4)-methyl 4-thio-alpha-D-glucopyranoside'
3 non-polymer 2-acetamido-2-deoxy-beta-D-glucopyranose
4 non-polymer 'MAGNESIUM ION'
5 non-polymer 'ACETIC ACID'
6 water water
#
_entity_poly.entity_id   1
_entity_poly.type   'polypeptide(L)'
_entity_poly.pdbx_seq_one_letter_code
;YNGNPFEGVQLWANNYYRSEVHTLAIPQITDPALRAAASAVAEVPSFQWLDRNVTVDTLLVQTLSEIREANQAGANPQYA
AQIVVYDLPDRDCAAAASNGEWAIANNGVNNYKAYINRIREILISFSDVRTILVIEPDSLANMVTNMNVPKCSGAASTYR
ELTIYALKQLDLPHVAMYMDAGHAGWLGWPANIQPAAELFAKIYEDAGKPRAVRGLATNVANYNAWSVSSPPPYTSPNPN
YDEKHYIEAFRPLLEARGFPAQFIVDQGRSGKQPTGQKEWGHWCNAIGTGFGMRPTANTGHQYVDAFVWVKPGGECDGTS
DTTAARYAYHCGLEDALKPAPEAGQWFNEYFIQLLRNANPPF
;
_entity_poly.pdbx_strand_id   A
#
loop_
_chem_comp.id
_chem_comp.type
_chem_comp.name
_chem_comp.formula
ACY non-polymer 'ACETIC ACID' 'C2 H4 O2'
BGC D-saccharide, beta linking beta-D-glucopyranose 'C6 H12 O6'
MA3 D-saccharide 'methyl 4-thio-alpha-D-glucopyranoside' 'C7 H14 O5 S'
MG non-polymer 'MAGNESIUM ION' 'Mg 2'
NAG D-saccharide, beta linking 2-acetamido-2-deoxy-beta-D-glucopyranose 'C8 H15 N O6'
SGC D-saccharide, beta linking 4-thio-beta-D-glucopyranose 'C6 H12 O5 S'
SSG D-saccharide, beta linking 1,4-dithio-beta-D-glucopyranose 'C6 H12 O4 S2'
#
# COMPACT_ATOMS: atom_id res chain seq x y z
N GLY A 3 20.62 3.53 -7.06
CA GLY A 3 19.82 4.66 -6.50
C GLY A 3 18.54 4.21 -5.79
N ASN A 4 18.61 3.05 -5.17
CA ASN A 4 17.48 2.51 -4.43
C ASN A 4 17.21 3.38 -3.21
N PRO A 5 16.03 3.98 -3.11
CA PRO A 5 15.78 4.83 -1.94
C PRO A 5 15.69 4.13 -0.61
N PHE A 6 15.56 2.79 -0.61
CA PHE A 6 15.57 2.02 0.59
C PHE A 6 16.97 1.66 1.09
N GLU A 7 17.97 1.86 0.24
CA GLU A 7 19.37 1.56 0.60
C GLU A 7 19.95 2.76 1.34
N GLY A 8 20.66 2.49 2.42
CA GLY A 8 21.38 3.51 3.15
C GLY A 8 20.59 4.26 4.21
N VAL A 9 19.39 3.73 4.51
CA VAL A 9 18.51 4.31 5.53
C VAL A 9 17.89 3.21 6.35
N GLN A 10 17.42 3.55 7.55
CA GLN A 10 16.54 2.75 8.33
C GLN A 10 15.15 3.26 8.02
N LEU A 11 14.16 2.42 8.10
CA LEU A 11 12.77 2.80 7.93
C LEU A 11 12.18 3.08 9.30
N TRP A 12 11.50 4.21 9.43
CA TRP A 12 10.93 4.62 10.68
C TRP A 12 9.79 3.74 11.07
N ALA A 13 9.85 3.21 12.30
CA ALA A 13 8.75 2.51 12.89
C ALA A 13 7.98 3.46 13.75
N ASN A 14 6.75 3.75 13.36
CA ASN A 14 6.05 4.88 13.96
C ASN A 14 5.50 4.50 15.33
N ASN A 15 5.23 5.49 16.17
CA ASN A 15 4.80 5.21 17.53
C ASN A 15 3.33 4.95 17.66
N TYR A 16 2.55 5.24 16.64
CA TYR A 16 1.14 4.91 16.70
C TYR A 16 0.96 3.37 16.65
N TYR A 17 1.64 2.72 15.72
CA TYR A 17 1.53 1.27 15.60
C TYR A 17 2.14 0.64 16.85
N ARG A 18 3.35 1.09 17.22
CA ARG A 18 4.04 0.60 18.42
C ARG A 18 3.13 0.63 19.62
N SER A 19 2.37 1.70 19.80
CA SER A 19 1.56 1.83 21.00
C SER A 19 0.23 1.09 20.88
N GLU A 20 -0.24 0.87 19.65
CA GLU A 20 -1.36 -0.03 19.48
C GLU A 20 -0.93 -1.43 19.94
N VAL A 21 0.26 -1.87 19.55
CA VAL A 21 0.72 -3.21 19.89
C VAL A 21 0.95 -3.31 21.41
N HIS A 22 1.55 -2.29 22.01
CA HIS A 22 1.97 -2.40 23.41
C HIS A 22 0.84 -2.20 24.37
N THR A 23 -0.13 -1.36 24.01
CA THR A 23 -1.20 -1.02 24.94
C THR A 23 -2.47 -1.85 24.70
N LEU A 24 -2.74 -2.21 23.44
CA LEU A 24 -3.98 -2.92 23.12
C LEU A 24 -3.82 -4.42 22.89
N ALA A 25 -2.68 -4.84 22.36
CA ALA A 25 -2.48 -6.22 21.97
C ALA A 25 -1.80 -7.03 23.05
N ILE A 26 -0.65 -6.56 23.50
CA ILE A 26 0.23 -7.36 24.35
C ILE A 26 -0.44 -7.77 25.65
N PRO A 27 -1.17 -6.89 26.33
CA PRO A 27 -1.83 -7.28 27.59
C PRO A 27 -2.85 -8.41 27.45
N GLN A 28 -3.22 -8.77 26.21
CA GLN A 28 -4.22 -9.80 25.96
C GLN A 28 -3.61 -11.16 25.57
N ILE A 29 -2.31 -11.22 25.42
CA ILE A 29 -1.65 -12.42 24.94
C ILE A 29 -1.21 -13.26 26.13
N THR A 30 -1.72 -14.47 26.20
CA THR A 30 -1.46 -15.37 27.31
C THR A 30 -0.35 -16.36 27.03
N ASP A 31 0.16 -16.33 25.83
CA ASP A 31 1.25 -17.17 25.45
C ASP A 31 2.48 -16.29 25.55
N PRO A 32 3.43 -16.68 26.39
CA PRO A 32 4.72 -15.99 26.53
C PRO A 32 5.48 -15.78 25.21
N ALA A 33 5.44 -16.78 24.36
CA ALA A 33 6.06 -16.72 23.02
C ALA A 33 5.34 -15.73 22.11
N LEU A 34 4.02 -15.73 22.11
CA LEU A 34 3.24 -14.79 21.31
C LEU A 34 3.49 -13.35 21.79
N ARG A 35 3.70 -13.16 23.09
CA ARG A 35 3.94 -11.82 23.63
C ARG A 35 5.27 -11.26 23.20
N ALA A 36 6.27 -12.12 23.18
CA ALA A 36 7.60 -11.72 22.80
C ALA A 36 7.60 -11.33 21.31
N ALA A 37 6.92 -12.13 20.51
CA ALA A 37 6.84 -11.88 19.08
C ALA A 37 6.11 -10.55 18.84
N ALA A 38 5.06 -10.27 19.60
CA ALA A 38 4.34 -8.99 19.45
C ALA A 38 5.23 -7.79 19.73
N SER A 39 6.07 -7.87 20.75
CA SER A 39 7.01 -6.79 21.01
C SER A 39 7.96 -6.56 19.83
N ALA A 40 8.36 -7.62 19.13
CA ALA A 40 9.20 -7.51 17.95
C ALA A 40 8.44 -6.88 16.78
N VAL A 41 7.19 -7.26 16.61
CA VAL A 41 6.38 -6.75 15.49
CA VAL A 41 6.42 -6.75 15.47
C VAL A 41 6.13 -5.24 15.67
N ALA A 42 6.04 -4.79 16.91
CA ALA A 42 5.85 -3.37 17.19
C ALA A 42 6.94 -2.47 16.61
N GLU A 43 8.13 -3.02 16.33
CA GLU A 43 9.28 -2.30 15.79
C GLU A 43 9.44 -2.44 14.30
N VAL A 44 8.56 -3.22 13.66
CA VAL A 44 8.65 -3.39 12.20
C VAL A 44 8.06 -2.13 11.51
N PRO A 45 8.86 -1.49 10.66
CA PRO A 45 8.43 -0.19 10.07
C PRO A 45 7.40 -0.35 8.94
N SER A 46 6.20 0.14 9.13
CA SER A 46 5.17 0.12 8.11
C SER A 46 4.79 1.51 7.64
N PHE A 47 4.07 1.54 6.52
CA PHE A 47 3.66 2.80 5.94
C PHE A 47 2.60 3.45 6.79
N GLN A 48 2.52 4.76 6.71
CA GLN A 48 1.44 5.53 7.23
C GLN A 48 0.58 6.12 6.13
N TRP A 49 -0.74 6.17 6.32
CA TRP A 49 -1.68 6.43 5.26
C TRP A 49 -2.34 7.81 5.31
N LEU A 50 -2.24 8.55 4.23
CA LEU A 50 -2.94 9.85 4.11
C LEU A 50 -4.21 9.63 3.32
N ASP A 51 -5.10 8.84 3.90
CA ASP A 51 -6.31 8.44 3.18
C ASP A 51 -7.51 9.30 3.49
N ARG A 52 -7.31 10.32 4.31
CA ARG A 52 -8.26 11.39 4.57
C ARG A 52 -7.51 12.71 4.60
N ASN A 53 -8.12 13.77 4.13
CA ASN A 53 -7.46 15.05 4.07
C ASN A 53 -6.95 15.56 5.41
N VAL A 54 -7.66 15.24 6.48
CA VAL A 54 -7.24 15.70 7.82
C VAL A 54 -5.88 15.17 8.23
N THR A 55 -5.44 14.05 7.66
CA THR A 55 -4.12 13.50 7.99
C THR A 55 -2.96 14.35 7.55
N VAL A 56 -3.15 15.21 6.55
CA VAL A 56 -2.03 15.97 6.00
C VAL A 56 -1.38 16.89 7.04
N ASP A 57 -2.19 17.70 7.73
CA ASP A 57 -1.71 18.66 8.72
C ASP A 57 -1.60 18.05 10.12
N THR A 58 -1.74 16.74 10.23
CA THR A 58 -1.66 16.05 11.49
C THR A 58 -0.63 14.97 11.37
N LEU A 59 -1.03 13.79 10.95
CA LEU A 59 -0.15 12.64 10.88
C LEU A 59 1.11 12.90 10.09
N LEU A 60 1.00 13.51 8.91
CA LEU A 60 2.20 13.66 8.09
C LEU A 60 3.22 14.52 8.80
N VAL A 61 2.78 15.67 9.31
CA VAL A 61 3.65 16.59 10.02
C VAL A 61 4.24 15.95 11.27
N GLN A 62 3.42 15.26 12.03
CA GLN A 62 3.90 14.60 13.23
C GLN A 62 4.98 13.57 12.90
N THR A 63 4.76 12.76 11.89
CA THR A 63 5.70 11.71 11.55
C THR A 63 7.03 12.32 11.10
N LEU A 64 6.98 13.28 10.19
CA LEU A 64 8.19 13.88 9.68
C LEU A 64 8.96 14.62 10.81
N SER A 65 8.25 15.25 11.72
CA SER A 65 8.90 15.88 12.89
CA SER A 65 8.89 15.89 12.87
C SER A 65 9.58 14.87 13.79
N GLU A 66 8.94 13.76 14.06
CA GLU A 66 9.55 12.73 14.88
C GLU A 66 10.78 12.11 14.24
N ILE A 67 10.74 11.91 12.93
CA ILE A 67 11.90 11.39 12.23
C ILE A 67 13.04 12.41 12.24
N ARG A 68 12.73 13.66 12.00
CA ARG A 68 13.75 14.68 12.02
C ARG A 68 14.45 14.68 13.39
N GLU A 69 13.67 14.62 14.45
CA GLU A 69 14.25 14.63 15.81
C GLU A 69 15.18 13.42 16.01
N ALA A 70 14.74 12.24 15.60
CA ALA A 70 15.57 11.04 15.73
C ALA A 70 16.86 11.17 14.93
N ASN A 71 16.77 11.73 13.73
CA ASN A 71 17.94 11.91 12.88
C ASN A 71 18.92 12.93 13.42
N GLN A 72 18.40 14.01 13.98
CA GLN A 72 19.25 15.05 14.54
C GLN A 72 19.89 14.55 15.82
N ALA A 73 19.29 13.59 16.48
CA ALA A 73 19.87 13.00 17.70
C ALA A 73 20.99 12.00 17.38
N GLY A 74 21.19 11.66 16.10
CA GLY A 74 22.32 10.83 15.68
C GLY A 74 21.97 9.47 15.11
N ALA A 75 20.72 9.21 14.73
CA ALA A 75 20.37 7.91 14.14
C ALA A 75 21.34 7.52 13.03
N ASN A 76 21.77 6.26 13.05
CA ASN A 76 22.73 5.76 12.08
C ASN A 76 22.37 4.33 11.70
N PRO A 77 21.96 4.12 10.45
CA PRO A 77 21.80 5.17 9.43
C PRO A 77 20.57 6.07 9.68
N GLN A 78 20.44 7.14 8.92
CA GLN A 78 19.26 8.02 9.07
C GLN A 78 17.94 7.28 8.78
N TYR A 79 16.89 7.70 9.46
CA TYR A 79 15.56 7.19 9.23
C TYR A 79 14.88 7.88 8.01
N ALA A 80 14.12 7.08 7.28
CA ALA A 80 13.25 7.53 6.17
C ALA A 80 11.80 7.30 6.52
N ALA A 81 10.92 8.15 5.96
CA ALA A 81 9.49 8.05 6.06
C ALA A 81 8.86 7.23 4.94
N GLN A 82 7.73 6.58 5.24
CA GLN A 82 6.98 5.77 4.29
C GLN A 82 5.51 6.20 4.37
N ILE A 83 5.01 6.79 3.30
CA ILE A 83 3.68 7.41 3.30
C ILE A 83 2.88 6.97 2.10
N VAL A 84 1.58 6.69 2.30
CA VAL A 84 0.65 6.41 1.24
C VAL A 84 -0.23 7.63 0.97
N VAL A 85 -0.30 8.05 -0.30
CA VAL A 85 -1.18 9.16 -0.74
C VAL A 85 -2.41 8.49 -1.34
N TYR A 86 -3.59 8.71 -0.76
CA TYR A 86 -4.77 7.93 -1.10
C TYR A 86 -6.03 8.75 -0.88
N ASP A 87 -6.30 9.66 -1.79
CA ASP A 87 -7.52 10.44 -1.68
C ASP A 87 -8.07 10.96 -3.00
N LEU A 88 -7.91 10.21 -4.09
CA LEU A 88 -8.48 10.65 -5.36
C LEU A 88 -9.99 10.84 -5.23
N PRO A 89 -10.56 11.78 -5.98
CA PRO A 89 -12.01 11.92 -6.03
C PRO A 89 -12.56 10.76 -6.83
N ASP A 90 -13.81 10.39 -6.53
CA ASP A 90 -14.46 9.14 -7.06
C ASP A 90 -13.52 7.94 -6.80
N ARG A 91 -12.96 7.90 -5.61
CA ARG A 91 -12.00 6.89 -5.23
C ARG A 91 -12.61 5.52 -5.33
N ASP A 92 -11.76 4.56 -5.65
CA ASP A 92 -12.16 3.16 -5.64
C ASP A 92 -13.34 2.90 -6.57
N CYS A 93 -13.21 3.32 -7.82
CA CYS A 93 -14.35 3.46 -8.73
C CYS A 93 -15.11 2.18 -9.02
N ALA A 94 -14.44 1.05 -8.90
CA ALA A 94 -15.07 -0.24 -9.22
C ALA A 94 -15.59 -0.94 -7.99
N ALA A 95 -15.38 -0.38 -6.81
CA ALA A 95 -15.81 -1.00 -5.57
C ALA A 95 -17.28 -0.67 -5.34
N ALA A 96 -18.02 -1.63 -4.80
CA ALA A 96 -19.42 -1.38 -4.47
C ALA A 96 -19.57 -0.29 -3.41
N ALA A 97 -18.58 -0.18 -2.52
CA ALA A 97 -18.55 0.80 -1.41
C ALA A 97 -17.15 1.42 -1.38
N SER A 98 -17.03 2.69 -1.02
CA SER A 98 -15.74 3.39 -0.85
C SER A 98 -15.81 4.33 0.32
N ASN A 99 -14.70 4.47 1.02
CA ASN A 99 -14.54 5.48 2.06
C ASN A 99 -13.90 6.80 1.57
N GLY A 100 -13.72 6.95 0.25
CA GLY A 100 -13.20 8.19 -0.27
C GLY A 100 -14.11 9.34 0.08
N GLU A 101 -13.55 10.50 0.35
CA GLU A 101 -14.34 11.65 0.79
C GLU A 101 -14.72 12.63 -0.28
N TRP A 102 -14.14 12.56 -1.48
CA TRP A 102 -14.38 13.52 -2.52
C TRP A 102 -14.98 12.91 -3.76
N ALA A 103 -15.67 13.73 -4.53
CA ALA A 103 -16.36 13.36 -5.76
C ALA A 103 -16.04 14.33 -6.86
N ILE A 104 -15.81 13.78 -8.04
CA ILE A 104 -15.55 14.60 -9.21
C ILE A 104 -16.69 15.60 -9.42
N ALA A 105 -17.94 15.15 -9.25
CA ALA A 105 -19.11 16.02 -9.44
C ALA A 105 -19.27 17.11 -8.38
N ASN A 106 -18.49 17.04 -7.29
CA ASN A 106 -18.58 17.99 -6.19
C ASN A 106 -17.21 18.59 -5.81
N ASN A 107 -16.58 19.23 -6.79
CA ASN A 107 -15.31 19.94 -6.63
C ASN A 107 -14.13 19.04 -6.27
N GLY A 108 -14.22 17.75 -6.60
CA GLY A 108 -13.17 16.86 -6.21
C GLY A 108 -11.83 17.09 -6.84
N VAL A 109 -11.80 17.50 -8.11
CA VAL A 109 -10.53 17.82 -8.75
C VAL A 109 -9.79 18.94 -8.00
N ASN A 110 -10.48 20.02 -7.74
CA ASN A 110 -9.88 21.10 -6.98
C ASN A 110 -9.48 20.71 -5.58
N ASN A 111 -10.32 19.91 -4.94
CA ASN A 111 -10.00 19.45 -3.60
C ASN A 111 -8.70 18.63 -3.61
N TYR A 112 -8.58 17.75 -4.59
CA TYR A 112 -7.43 16.87 -4.68
C TYR A 112 -6.17 17.69 -5.00
N LYS A 113 -6.26 18.63 -5.94
CA LYS A 113 -5.08 19.43 -6.27
C LYS A 113 -4.61 20.20 -5.05
N ALA A 114 -5.52 20.75 -4.26
CA ALA A 114 -5.16 21.46 -3.04
C ALA A 114 -4.46 20.52 -2.01
N TYR A 115 -4.97 19.29 -1.88
CA TYR A 115 -4.38 18.25 -1.05
C TYR A 115 -2.93 17.98 -1.47
N ILE A 116 -2.73 17.73 -2.74
CA ILE A 116 -1.38 17.51 -3.25
C ILE A 116 -0.51 18.75 -2.99
N ASN A 117 -1.06 19.94 -3.19
CA ASN A 117 -0.27 21.15 -3.00
C ASN A 117 0.16 21.29 -1.57
N ARG A 118 -0.72 20.95 -0.64
CA ARG A 118 -0.38 21.04 0.77
C ARG A 118 0.64 19.97 1.18
N ILE A 119 0.47 18.76 0.71
CA ILE A 119 1.50 17.74 0.92
C ILE A 119 2.85 18.22 0.40
N ARG A 120 2.85 18.81 -0.77
CA ARG A 120 4.11 19.32 -1.32
C ARG A 120 4.74 20.34 -0.38
N GLU A 121 3.99 21.30 0.11
CA GLU A 121 4.50 22.30 1.01
C GLU A 121 5.15 21.68 2.23
N ILE A 122 4.51 20.68 2.80
CA ILE A 122 5.03 20.02 3.96
C ILE A 122 6.29 19.24 3.60
N LEU A 123 6.29 18.49 2.51
CA LEU A 123 7.49 17.74 2.11
C LEU A 123 8.65 18.69 1.84
N ILE A 124 8.43 19.85 1.23
CA ILE A 124 9.51 20.83 1.02
C ILE A 124 10.06 21.29 2.33
N SER A 125 9.23 21.46 3.34
CA SER A 125 9.72 21.89 4.64
CA SER A 125 9.65 21.87 4.69
C SER A 125 10.48 20.81 5.39
N PHE A 126 10.36 19.56 4.95
CA PHE A 126 11.05 18.42 5.55
C PHE A 126 11.95 17.75 4.52
N SER A 127 12.68 18.56 3.78
CA SER A 127 13.60 18.06 2.75
C SER A 127 14.81 17.33 3.31
N ASP A 128 14.99 17.39 4.63
CA ASP A 128 15.97 16.59 5.34
C ASP A 128 15.51 15.19 5.73
N VAL A 129 14.27 14.81 5.39
CA VAL A 129 13.74 13.49 5.67
C VAL A 129 13.46 12.75 4.35
N ARG A 130 14.27 11.75 4.00
CA ARG A 130 14.00 10.98 2.81
C ARG A 130 12.60 10.41 2.97
N THR A 131 11.80 10.55 1.92
CA THR A 131 10.40 10.20 1.98
C THR A 131 10.00 9.35 0.81
N ILE A 132 9.47 8.18 1.12
CA ILE A 132 9.05 7.23 0.13
C ILE A 132 7.52 7.23 0.09
N LEU A 133 6.94 7.46 -1.09
CA LEU A 133 5.51 7.54 -1.29
C LEU A 133 4.95 6.43 -2.17
N VAL A 134 3.84 5.85 -1.74
CA VAL A 134 3.00 5.02 -2.61
C VAL A 134 1.86 5.91 -3.05
N ILE A 135 1.70 6.05 -4.37
CA ILE A 135 0.67 6.92 -4.93
C ILE A 135 -0.55 6.10 -5.33
N GLU A 136 -1.64 6.36 -4.59
CA GLU A 136 -3.01 6.04 -4.90
C GLU A 136 -3.24 4.55 -5.21
N PRO A 137 -3.28 3.74 -4.16
CA PRO A 137 -3.80 2.37 -4.26
C PRO A 137 -5.16 2.37 -4.94
N ASP A 138 -5.45 1.29 -5.68
CA ASP A 138 -6.79 1.04 -6.21
C ASP A 138 -7.25 2.15 -7.12
N SER A 139 -6.36 2.69 -7.97
CA SER A 139 -6.69 3.76 -8.88
C SER A 139 -6.53 3.34 -10.33
N LEU A 140 -5.33 3.55 -10.90
CA LEU A 140 -5.11 3.26 -12.31
C LEU A 140 -5.24 1.81 -12.70
N ALA A 141 -5.07 0.88 -11.77
CA ALA A 141 -5.27 -0.54 -12.13
C ALA A 141 -6.72 -0.78 -12.62
N ASN A 142 -7.65 0.05 -12.15
CA ASN A 142 -9.03 -0.04 -12.59
C ASN A 142 -9.18 0.33 -14.08
N MET A 143 -8.28 1.16 -14.61
CA MET A 143 -8.35 1.55 -16.02
C MET A 143 -8.03 0.37 -16.90
N VAL A 144 -7.28 -0.61 -16.39
CA VAL A 144 -6.91 -1.75 -17.20
C VAL A 144 -8.05 -2.75 -17.33
N THR A 145 -8.76 -3.04 -16.24
CA THR A 145 -9.70 -4.17 -16.22
C THR A 145 -11.14 -3.80 -15.90
N ASN A 146 -11.38 -2.63 -15.30
CA ASN A 146 -12.69 -2.30 -14.71
C ASN A 146 -13.42 -1.17 -15.39
N MET A 147 -13.03 -0.85 -16.59
CA MET A 147 -13.67 0.24 -17.33
C MET A 147 -15.10 -0.08 -17.77
N ASN A 148 -15.49 -1.34 -17.71
CA ASN A 148 -16.89 -1.71 -17.92
C ASN A 148 -17.79 -1.14 -16.82
N VAL A 149 -17.24 -0.85 -15.64
CA VAL A 149 -18.01 -0.28 -14.54
C VAL A 149 -18.22 1.20 -14.86
N PRO A 150 -19.45 1.67 -14.99
CA PRO A 150 -19.67 3.04 -15.42
C PRO A 150 -18.90 4.10 -14.59
N LYS A 151 -18.82 3.95 -13.28
CA LYS A 151 -18.11 4.94 -12.47
C LYS A 151 -16.62 4.96 -12.87
N CYS A 152 -16.04 3.82 -13.20
CA CYS A 152 -14.63 3.79 -13.65
CA CYS A 152 -14.66 3.75 -13.64
C CYS A 152 -14.46 4.44 -15.00
N SER A 153 -15.34 4.17 -15.96
CA SER A 153 -15.23 4.86 -17.25
CA SER A 153 -15.17 4.85 -17.25
C SER A 153 -15.33 6.35 -17.05
N GLY A 154 -16.20 6.77 -16.12
CA GLY A 154 -16.39 8.18 -15.85
C GLY A 154 -15.21 8.82 -15.15
N ALA A 155 -14.46 8.04 -14.34
CA ALA A 155 -13.36 8.59 -13.53
C ALA A 155 -12.01 8.52 -14.22
N ALA A 156 -11.91 7.73 -15.28
CA ALA A 156 -10.61 7.41 -15.85
C ALA A 156 -9.79 8.61 -16.25
N SER A 157 -10.40 9.56 -16.97
CA SER A 157 -9.60 10.71 -17.45
C SER A 157 -9.10 11.54 -16.26
N THR A 158 -9.91 11.66 -15.23
CA THR A 158 -9.57 12.37 -14.02
C THR A 158 -8.49 11.64 -13.24
N TYR A 159 -8.60 10.33 -13.11
CA TYR A 159 -7.52 9.58 -12.47
C TYR A 159 -6.20 9.83 -13.18
N ARG A 160 -6.23 9.81 -14.49
CA ARG A 160 -4.97 9.99 -15.24
C ARG A 160 -4.41 11.40 -15.02
N GLU A 161 -5.26 12.40 -15.16
CA GLU A 161 -4.81 13.78 -15.04
C GLU A 161 -4.29 14.12 -13.64
N LEU A 162 -4.98 13.64 -12.61
CA LEU A 162 -4.62 13.91 -11.24
C LEU A 162 -3.39 13.09 -10.85
N THR A 163 -3.21 11.91 -11.42
CA THR A 163 -1.97 11.17 -11.18
C THR A 163 -0.79 11.93 -11.74
N ILE A 164 -0.89 12.38 -12.97
CA ILE A 164 0.15 13.18 -13.58
C ILE A 164 0.44 14.42 -12.74
N TYR A 165 -0.59 15.10 -12.26
CA TYR A 165 -0.43 16.21 -11.38
C TYR A 165 0.38 15.86 -10.16
N ALA A 166 0.02 14.80 -9.48
CA ALA A 166 0.74 14.38 -8.30
C ALA A 166 2.19 14.05 -8.59
N LEU A 167 2.43 13.32 -9.69
CA LEU A 167 3.78 12.95 -10.00
C LEU A 167 4.67 14.16 -10.24
N LYS A 168 4.15 15.18 -10.88
CA LYS A 168 4.91 16.39 -11.14
C LYS A 168 5.06 17.24 -9.90
N GLN A 169 4.02 17.38 -9.12
CA GLN A 169 4.06 18.21 -7.93
C GLN A 169 4.89 17.62 -6.81
N LEU A 170 4.87 16.32 -6.67
CA LEU A 170 5.60 15.66 -5.60
C LEU A 170 6.99 15.16 -6.04
N ASP A 171 7.42 15.58 -7.24
CA ASP A 171 8.75 15.33 -7.75
C ASP A 171 9.77 16.25 -7.08
N LEU A 172 10.22 15.83 -5.91
CA LEU A 172 11.10 16.61 -5.04
C LEU A 172 12.36 15.81 -4.86
N PRO A 173 13.50 16.45 -4.67
CA PRO A 173 14.79 15.72 -4.61
C PRO A 173 14.90 14.65 -3.56
N HIS A 174 14.21 14.78 -2.44
CA HIS A 174 14.31 13.87 -1.32
C HIS A 174 13.20 12.81 -1.33
N VAL A 175 12.41 12.76 -2.39
CA VAL A 175 11.27 11.86 -2.50
C VAL A 175 11.51 10.77 -3.51
N ALA A 176 10.94 9.61 -3.23
CA ALA A 176 10.79 8.54 -4.22
C ALA A 176 9.31 8.15 -4.25
N MET A 177 8.76 8.07 -5.45
CA MET A 177 7.37 7.65 -5.61
C MET A 177 7.27 6.35 -6.38
N TYR A 178 6.35 5.50 -5.92
CA TYR A 178 5.92 4.27 -6.57
C TYR A 178 4.41 4.34 -6.78
N MET A 179 3.98 4.29 -8.02
CA MET A 179 2.54 4.25 -8.33
C MET A 179 1.98 2.87 -8.04
N ASP A 180 0.81 2.81 -7.47
CA ASP A 180 0.18 1.53 -7.27
C ASP A 180 -0.02 0.80 -8.61
N ALA A 181 0.22 -0.48 -8.64
CA ALA A 181 -0.01 -1.28 -9.85
C ALA A 181 -0.68 -2.61 -9.49
N GLY A 182 -1.70 -2.55 -8.66
CA GLY A 182 -2.44 -3.76 -8.39
C GLY A 182 -1.61 -4.89 -7.82
N HIS A 183 -1.89 -6.09 -8.30
CA HIS A 183 -1.25 -7.30 -7.82
C HIS A 183 -1.37 -8.38 -8.87
N ALA A 184 -0.71 -9.52 -8.66
CA ALA A 184 -0.67 -10.57 -9.67
C ALA A 184 -2.05 -11.06 -10.12
N GLY A 185 -3.02 -11.05 -9.23
CA GLY A 185 -4.36 -11.48 -9.52
C GLY A 185 -5.25 -10.42 -10.12
N TRP A 186 -4.70 -9.23 -10.35
CA TRP A 186 -5.38 -8.15 -11.00
C TRP A 186 -4.76 -7.90 -12.37
N LEU A 187 -3.53 -7.36 -12.37
CA LEU A 187 -2.83 -7.03 -13.59
C LEU A 187 -1.89 -8.09 -14.08
N GLY A 188 -1.66 -9.14 -13.29
CA GLY A 188 -0.72 -10.18 -13.67
C GLY A 188 -1.22 -11.23 -14.61
N TRP A 189 -2.54 -11.32 -14.76
CA TRP A 189 -3.08 -12.22 -15.79
C TRP A 189 -2.41 -11.87 -17.12
N PRO A 190 -1.93 -12.85 -17.88
CA PRO A 190 -1.25 -12.55 -19.13
C PRO A 190 -1.95 -11.54 -20.03
N ALA A 191 -3.26 -11.60 -20.15
CA ALA A 191 -4.01 -10.66 -21.01
C ALA A 191 -3.93 -9.21 -20.54
N ASN A 192 -3.67 -9.00 -19.25
CA ASN A 192 -3.66 -7.65 -18.71
C ASN A 192 -2.30 -6.99 -18.65
N ILE A 193 -1.23 -7.77 -18.83
CA ILE A 193 0.10 -7.23 -18.66
C ILE A 193 0.45 -6.18 -19.70
N GLN A 194 0.18 -6.42 -20.98
CA GLN A 194 0.50 -5.45 -22.01
C GLN A 194 -0.33 -4.18 -21.86
N PRO A 195 -1.65 -4.25 -21.68
CA PRO A 195 -2.41 -3.01 -21.49
C PRO A 195 -1.96 -2.25 -20.24
N ALA A 196 -1.58 -2.98 -19.20
CA ALA A 196 -1.06 -2.30 -18.00
C ALA A 196 0.26 -1.58 -18.30
N ALA A 197 1.13 -2.24 -19.03
CA ALA A 197 2.40 -1.64 -19.38
C ALA A 197 2.22 -0.40 -20.22
N GLU A 198 1.31 -0.46 -21.19
CA GLU A 198 1.04 0.67 -22.05
C GLU A 198 0.53 1.85 -21.20
N LEU A 199 -0.40 1.56 -20.29
CA LEU A 199 -0.97 2.60 -19.47
C LEU A 199 0.08 3.28 -18.59
N PHE A 200 0.80 2.50 -17.80
CA PHE A 200 1.73 3.08 -16.84
C PHE A 200 2.93 3.75 -17.52
N ALA A 201 3.42 3.17 -18.61
CA ALA A 201 4.57 3.77 -19.31
C ALA A 201 4.13 5.07 -19.94
N LYS A 202 2.90 5.16 -20.42
CA LYS A 202 2.46 6.40 -21.04
C LYS A 202 2.23 7.50 -20.01
N ILE A 203 1.74 7.15 -18.84
CA ILE A 203 1.62 8.14 -17.77
C ILE A 203 3.02 8.67 -17.36
N TYR A 204 3.98 7.78 -17.24
CA TYR A 204 5.34 8.17 -16.91
C TYR A 204 5.87 9.16 -17.93
N GLU A 205 5.69 8.84 -19.20
CA GLU A 205 6.11 9.72 -20.30
C GLU A 205 5.38 11.05 -20.26
N ASP A 206 4.08 11.00 -20.06
CA ASP A 206 3.28 12.23 -20.12
C ASP A 206 3.55 13.13 -18.91
N ALA A 207 4.04 12.54 -17.81
CA ALA A 207 4.46 13.31 -16.65
C ALA A 207 5.87 13.90 -16.82
N GLY A 208 6.52 13.62 -17.94
CA GLY A 208 7.86 14.11 -18.18
C GLY A 208 8.97 13.28 -17.55
N LYS A 209 8.68 12.03 -17.21
CA LYS A 209 9.60 11.12 -16.59
C LYS A 209 10.26 11.78 -15.38
N PRO A 210 9.47 12.13 -14.37
CA PRO A 210 10.04 12.86 -13.25
C PRO A 210 11.05 12.02 -12.52
N ARG A 211 12.14 12.65 -12.10
CA ARG A 211 13.20 11.97 -11.40
C ARG A 211 12.71 11.12 -10.21
N ALA A 212 11.78 11.68 -9.43
CA ALA A 212 11.31 11.03 -8.22
C ALA A 212 10.48 9.79 -8.48
N VAL A 213 9.98 9.61 -9.70
CA VAL A 213 9.18 8.41 -9.97
C VAL A 213 10.06 7.20 -10.18
N ARG A 214 10.13 6.36 -9.18
CA ARG A 214 11.03 5.24 -9.15
C ARG A 214 10.43 4.01 -9.79
N GLY A 215 9.11 3.86 -9.72
CA GLY A 215 8.53 2.66 -10.21
C GLY A 215 7.11 2.49 -9.73
N LEU A 216 6.83 1.25 -9.33
CA LEU A 216 5.47 0.78 -9.07
C LEU A 216 5.45 0.00 -7.76
N ALA A 217 4.30 0.01 -7.10
CA ALA A 217 4.06 -0.72 -5.85
C ALA A 217 3.02 -1.79 -6.10
N THR A 218 3.26 -3.01 -5.66
CA THR A 218 2.30 -4.08 -5.88
C THR A 218 1.91 -4.74 -4.57
N ASN A 219 0.74 -5.38 -4.61
CA ASN A 219 0.17 -6.13 -3.52
C ASN A 219 -0.23 -5.28 -2.34
N VAL A 220 -0.41 -3.97 -2.54
CA VAL A 220 -0.72 -3.06 -1.46
C VAL A 220 -2.02 -3.46 -0.79
N ALA A 221 -1.93 -3.73 0.51
CA ALA A 221 -3.06 -4.12 1.32
C ALA A 221 -3.69 -5.42 0.84
N ASN A 222 -2.95 -6.23 0.12
CA ASN A 222 -3.41 -7.55 -0.31
C ASN A 222 -2.47 -8.61 0.26
N TYR A 223 -2.64 -9.86 -0.14
CA TYR A 223 -2.10 -10.97 0.64
C TYR A 223 -1.22 -11.90 -0.19
N ASN A 224 -0.87 -11.52 -1.42
CA ASN A 224 -0.21 -12.46 -2.31
C ASN A 224 1.18 -12.80 -1.87
N ALA A 225 1.63 -13.99 -2.23
CA ALA A 225 3.02 -14.37 -2.01
C ALA A 225 3.93 -13.55 -2.89
N TRP A 226 5.15 -13.24 -2.43
CA TRP A 226 6.22 -12.84 -3.31
C TRP A 226 6.59 -14.04 -4.19
N SER A 227 6.87 -15.16 -3.55
CA SER A 227 7.27 -16.36 -4.27
C SER A 227 6.81 -17.59 -3.50
N VAL A 228 5.95 -18.38 -4.14
CA VAL A 228 5.40 -19.61 -3.53
C VAL A 228 5.63 -20.71 -4.55
N SER A 229 5.82 -21.93 -4.08
CA SER A 229 6.25 -22.99 -5.01
C SER A 229 5.06 -23.63 -5.72
N SER A 230 3.89 -23.59 -5.07
CA SER A 230 2.65 -24.14 -5.60
C SER A 230 1.59 -23.03 -5.72
N PRO A 231 0.90 -22.94 -6.85
CA PRO A 231 -0.19 -21.96 -6.99
C PRO A 231 -1.31 -22.17 -5.98
N PRO A 232 -1.64 -21.16 -5.18
CA PRO A 232 -2.84 -21.29 -4.33
C PRO A 232 -4.11 -21.53 -5.13
N PRO A 233 -5.05 -22.34 -4.66
CA PRO A 233 -6.22 -22.68 -5.48
C PRO A 233 -7.05 -21.52 -6.05
N TYR A 234 -7.19 -20.44 -5.30
CA TYR A 234 -7.94 -19.27 -5.73
C TYR A 234 -7.21 -18.47 -6.84
N THR A 235 -5.95 -18.80 -7.11
CA THR A 235 -5.23 -18.12 -8.20
C THR A 235 -5.47 -18.80 -9.53
N SER A 236 -6.02 -20.01 -9.55
CA SER A 236 -6.03 -20.80 -10.78
C SER A 236 -7.07 -20.18 -11.69
N PRO A 237 -6.86 -20.10 -13.00
CA PRO A 237 -5.70 -20.64 -13.71
C PRO A 237 -4.60 -19.62 -14.11
N ASN A 238 -4.44 -18.56 -13.34
CA ASN A 238 -3.47 -17.53 -13.68
C ASN A 238 -2.08 -18.12 -13.60
N PRO A 239 -1.29 -18.11 -14.68
CA PRO A 239 0.08 -18.63 -14.55
C PRO A 239 0.99 -17.72 -13.69
N ASN A 240 0.60 -16.47 -13.54
CA ASN A 240 1.39 -15.50 -12.74
C ASN A 240 0.72 -15.37 -11.40
N TYR A 241 0.96 -16.34 -10.55
CA TYR A 241 0.17 -16.59 -9.35
C TYR A 241 0.83 -16.00 -8.11
N ASP A 242 2.00 -15.41 -8.25
CA ASP A 242 2.66 -14.67 -7.17
C ASP A 242 3.28 -13.40 -7.73
N GLU A 243 3.72 -12.52 -6.83
CA GLU A 243 4.22 -11.23 -7.26
C GLU A 243 5.49 -11.33 -8.08
N LYS A 244 6.35 -12.29 -7.79
CA LYS A 244 7.56 -12.48 -8.58
C LYS A 244 7.22 -12.81 -10.02
N HIS A 245 6.26 -13.68 -10.25
CA HIS A 245 5.88 -14.02 -11.60
C HIS A 245 5.33 -12.79 -12.33
N TYR A 246 4.47 -12.05 -11.65
CA TYR A 246 3.86 -10.84 -12.22
C TYR A 246 4.97 -9.87 -12.60
N ILE A 247 5.83 -9.55 -11.65
CA ILE A 247 6.81 -8.50 -11.86
C ILE A 247 7.81 -8.89 -12.97
N GLU A 248 8.24 -10.14 -12.98
CA GLU A 248 9.16 -10.59 -14.03
C GLU A 248 8.55 -10.55 -15.42
N ALA A 249 7.24 -10.77 -15.54
CA ALA A 249 6.58 -10.64 -16.85
C ALA A 249 6.31 -9.18 -17.23
N PHE A 250 6.06 -8.33 -16.22
CA PHE A 250 5.59 -6.95 -16.42
C PHE A 250 6.75 -5.99 -16.71
N ARG A 251 7.81 -6.10 -15.95
CA ARG A 251 8.92 -5.15 -16.09
C ARG A 251 9.50 -5.05 -17.51
N PRO A 252 9.74 -6.16 -18.21
CA PRO A 252 10.30 -5.98 -19.55
C PRO A 252 9.38 -5.19 -20.47
N LEU A 253 8.07 -5.34 -20.29
CA LEU A 253 7.13 -4.63 -21.15
C LEU A 253 7.11 -3.13 -20.84
N LEU A 254 7.21 -2.81 -19.57
CA LEU A 254 7.32 -1.45 -19.12
C LEU A 254 8.60 -0.79 -19.66
N GLU A 255 9.72 -1.49 -19.51
CA GLU A 255 11.01 -0.97 -19.88
C GLU A 255 11.09 -0.74 -21.39
N ALA A 256 10.50 -1.63 -22.17
CA ALA A 256 10.49 -1.48 -23.62
C ALA A 256 9.72 -0.25 -24.05
N ARG A 257 8.81 0.21 -23.21
CA ARG A 257 8.00 1.40 -23.44
C ARG A 257 8.53 2.61 -22.68
N GLY A 258 9.76 2.56 -22.22
CA GLY A 258 10.44 3.73 -21.68
C GLY A 258 10.38 3.94 -20.17
N PHE A 259 9.83 2.98 -19.43
CA PHE A 259 9.66 3.11 -17.99
C PHE A 259 10.34 1.92 -17.32
N PRO A 260 11.61 2.08 -16.92
CA PRO A 260 12.33 0.98 -16.28
C PRO A 260 12.00 0.91 -14.79
N ALA A 261 10.74 0.57 -14.52
CA ALA A 261 10.16 0.69 -13.20
C ALA A 261 10.82 -0.29 -12.23
N GLN A 262 11.22 0.21 -11.08
CA GLN A 262 11.58 -0.61 -9.97
C GLN A 262 10.35 -0.82 -9.11
N PHE A 263 10.30 -1.89 -8.37
CA PHE A 263 9.11 -2.28 -7.63
C PHE A 263 9.33 -2.29 -6.15
N ILE A 264 8.26 -2.03 -5.42
CA ILE A 264 8.18 -2.45 -4.02
C ILE A 264 6.97 -3.33 -3.90
N VAL A 265 7.02 -4.29 -2.98
CA VAL A 265 6.02 -5.33 -2.84
C VAL A 265 5.60 -5.40 -1.39
N ASP A 266 4.31 -5.19 -1.12
CA ASP A 266 3.76 -5.34 0.22
C ASP A 266 3.81 -6.84 0.55
N GLN A 267 4.37 -7.14 1.71
CA GLN A 267 4.37 -8.51 2.25
C GLN A 267 3.87 -8.54 3.69
N GLY A 268 3.27 -7.48 4.21
CA GLY A 268 2.90 -7.43 5.59
C GLY A 268 1.88 -8.45 6.02
N ARG A 269 1.08 -8.97 5.10
CA ARG A 269 0.05 -9.96 5.41
C ARG A 269 0.14 -11.18 4.47
N SER A 270 1.35 -11.48 4.03
CA SER A 270 1.62 -12.46 3.00
C SER A 270 2.35 -13.71 3.49
N GLY A 271 2.59 -13.82 4.80
CA GLY A 271 3.41 -14.92 5.31
C GLY A 271 2.81 -16.31 5.20
N LYS A 272 1.50 -16.43 5.30
CA LYS A 272 0.83 -17.72 5.20
C LYS A 272 0.25 -17.91 3.82
N GLN A 273 0.67 -18.98 3.17
CA GLN A 273 0.28 -19.29 1.78
C GLN A 273 -0.01 -20.79 1.66
N PRO A 274 -1.14 -21.18 1.07
CA PRO A 274 -2.20 -20.28 0.62
C PRO A 274 -2.86 -19.60 1.78
N THR A 275 -3.51 -18.49 1.52
CA THR A 275 -4.30 -17.79 2.53
C THR A 275 -5.63 -18.51 2.69
N GLY A 276 -6.52 -17.95 3.50
CA GLY A 276 -7.88 -18.41 3.61
C GLY A 276 -8.90 -17.76 2.70
N GLN A 277 -8.42 -16.97 1.73
CA GLN A 277 -9.31 -16.36 0.76
C GLN A 277 -10.01 -17.44 -0.02
N LYS A 278 -11.30 -17.25 -0.21
CA LYS A 278 -12.04 -18.16 -1.06
C LYS A 278 -12.00 -17.72 -2.54
N GLU A 279 -11.86 -16.42 -2.77
CA GLU A 279 -11.70 -15.86 -4.10
C GLU A 279 -10.57 -14.83 -3.97
N TRP A 280 -9.81 -14.65 -5.05
CA TRP A 280 -8.65 -13.76 -5.04
C TRP A 280 -8.99 -12.30 -4.79
N GLY A 281 -10.16 -11.86 -5.24
CA GLY A 281 -10.61 -10.50 -5.02
C GLY A 281 -11.19 -10.18 -3.64
N HIS A 282 -11.08 -11.11 -2.72
CA HIS A 282 -11.59 -10.92 -1.35
C HIS A 282 -10.49 -10.31 -0.56
N TRP A 283 -10.62 -9.00 -0.32
CA TRP A 283 -9.57 -8.18 0.26
C TRP A 283 -9.67 -7.82 1.72
N CYS A 284 -10.88 -7.98 2.29
CA CYS A 284 -11.16 -7.39 3.59
C CYS A 284 -10.93 -8.35 4.74
N ASN A 285 -10.02 -8.01 5.62
CA ASN A 285 -9.80 -8.78 6.85
C ASN A 285 -9.75 -10.29 6.59
N ALA A 286 -8.91 -10.73 5.65
CA ALA A 286 -8.97 -12.10 5.16
C ALA A 286 -8.47 -13.06 6.25
N ILE A 287 -9.19 -14.17 6.37
CA ILE A 287 -8.81 -15.23 7.30
C ILE A 287 -7.60 -15.98 6.76
N GLY A 288 -6.85 -16.63 7.64
CA GLY A 288 -5.82 -17.53 7.22
C GLY A 288 -4.56 -16.86 6.69
N THR A 289 -4.28 -15.68 7.22
CA THR A 289 -3.14 -14.88 6.82
C THR A 289 -2.18 -14.71 7.96
N GLY A 290 -0.94 -14.41 7.64
CA GLY A 290 0.11 -14.17 8.60
C GLY A 290 1.04 -13.06 8.21
N PHE A 291 1.70 -12.46 9.18
CA PHE A 291 2.77 -11.52 8.86
C PHE A 291 3.80 -12.16 7.94
N GLY A 292 4.23 -11.45 6.91
CA GLY A 292 5.22 -11.96 5.97
C GLY A 292 6.63 -11.45 6.16
N MET A 293 7.44 -11.55 5.12
CA MET A 293 8.84 -11.08 5.15
C MET A 293 8.92 -9.65 5.66
N ARG A 294 9.86 -9.39 6.56
CA ARG A 294 9.99 -8.04 7.10
C ARG A 294 10.52 -7.12 6.02
N PRO A 295 10.21 -5.83 6.17
CA PRO A 295 10.76 -4.83 5.25
C PRO A 295 12.26 -4.89 5.08
N THR A 296 12.73 -4.80 3.87
CA THR A 296 14.13 -4.85 3.58
C THR A 296 14.42 -4.34 2.17
N ALA A 297 15.58 -3.71 1.99
CA ALA A 297 16.11 -3.44 0.69
C ALA A 297 16.83 -4.60 0.05
N ASN A 298 17.08 -5.65 0.83
CA ASN A 298 17.92 -6.76 0.36
C ASN A 298 17.03 -7.84 -0.17
N THR A 299 16.50 -7.59 -1.36
CA THR A 299 15.44 -8.42 -1.91
C THR A 299 16.00 -9.58 -2.69
N GLY A 300 17.24 -9.46 -3.12
CA GLY A 300 17.83 -10.44 -4.01
C GLY A 300 17.36 -10.34 -5.46
N HIS A 301 16.51 -9.37 -5.76
CA HIS A 301 15.92 -9.30 -7.09
C HIS A 301 16.16 -7.95 -7.68
N GLN A 302 16.81 -7.88 -8.84
CA GLN A 302 17.19 -6.59 -9.37
C GLN A 302 16.02 -5.68 -9.73
N TYR A 303 14.82 -6.22 -9.95
CA TYR A 303 13.65 -5.36 -10.26
C TYR A 303 12.95 -4.83 -9.01
N VAL A 304 13.30 -5.31 -7.85
CA VAL A 304 12.59 -5.00 -6.62
C VAL A 304 13.47 -4.25 -5.65
N ASP A 305 13.17 -2.98 -5.46
CA ASP A 305 13.89 -2.18 -4.49
C ASP A 305 13.72 -2.64 -3.05
N ALA A 306 12.53 -3.10 -2.70
CA ALA A 306 12.20 -3.47 -1.33
C ALA A 306 10.97 -4.33 -1.19
N PHE A 307 10.97 -5.20 -0.18
CA PHE A 307 9.77 -5.68 0.41
C PHE A 307 9.38 -4.73 1.51
N VAL A 308 8.11 -4.42 1.60
CA VAL A 308 7.63 -3.45 2.53
C VAL A 308 6.38 -3.96 3.20
N TRP A 309 5.96 -3.26 4.26
CA TRP A 309 4.69 -3.47 4.89
C TRP A 309 3.86 -2.21 4.69
N VAL A 310 2.99 -2.22 3.68
CA VAL A 310 2.27 -0.99 3.35
C VAL A 310 1.03 -0.90 4.22
N LYS A 311 0.16 -1.91 4.19
CA LYS A 311 -0.93 -2.01 5.17
C LYS A 311 -0.40 -2.54 6.51
N PRO A 312 -0.55 -1.79 7.62
CA PRO A 312 -0.09 -2.29 8.92
C PRO A 312 -1.03 -3.33 9.47
N GLY A 313 -0.54 -4.56 9.53
CA GLY A 313 -1.39 -5.66 9.93
C GLY A 313 -1.87 -5.52 11.39
N GLY A 314 -3.17 -5.71 11.56
CA GLY A 314 -3.85 -5.49 12.83
C GLY A 314 -4.78 -4.30 12.82
N GLU A 315 -4.50 -3.33 11.95
CA GLU A 315 -5.41 -2.21 11.75
C GLU A 315 -6.49 -2.69 10.78
N CYS A 316 -7.76 -2.53 11.15
CA CYS A 316 -8.87 -3.11 10.43
C CYS A 316 -8.97 -2.56 9.03
N ASP A 317 -9.45 -3.37 8.10
CA ASP A 317 -9.70 -2.93 6.72
C ASP A 317 -11.07 -2.31 6.55
N GLY A 318 -11.99 -2.60 7.46
CA GLY A 318 -13.39 -2.23 7.30
C GLY A 318 -14.28 -2.99 8.29
N THR A 319 -15.37 -2.35 8.68
CA THR A 319 -16.26 -2.93 9.69
C THR A 319 -17.07 -4.05 9.11
N SER A 320 -17.43 -5.01 9.97
CA SER A 320 -18.37 -6.04 9.54
C SER A 320 -19.80 -5.70 9.95
N ASP A 321 -19.95 -4.57 10.66
CA ASP A 321 -21.29 -4.08 11.10
C ASP A 321 -22.07 -3.68 9.85
N THR A 322 -23.01 -4.51 9.44
CA THR A 322 -23.73 -4.30 8.17
C THR A 322 -24.65 -3.08 8.19
N THR A 323 -24.93 -2.55 9.38
CA THR A 323 -25.81 -1.40 9.52
C THR A 323 -25.03 -0.10 9.40
N ALA A 324 -23.71 -0.22 9.34
CA ALA A 324 -22.86 0.94 9.34
C ALA A 324 -22.94 1.55 7.93
N ALA A 325 -22.99 2.87 7.86
CA ALA A 325 -23.03 3.57 6.58
C ALA A 325 -21.88 3.17 5.68
N ARG A 326 -20.70 2.98 6.27
CA ARG A 326 -19.46 2.70 5.52
C ARG A 326 -19.21 1.22 5.28
N TYR A 327 -20.18 0.39 5.62
CA TYR A 327 -20.03 -1.03 5.47
C TYR A 327 -19.79 -1.41 4.01
N ALA A 328 -18.79 -2.26 3.79
CA ALA A 328 -18.46 -2.81 2.49
C ALA A 328 -18.75 -4.29 2.56
N TYR A 329 -19.48 -4.81 1.58
CA TYR A 329 -19.95 -6.21 1.66
C TYR A 329 -18.82 -7.21 1.71
N HIS A 330 -17.67 -6.87 1.13
CA HIS A 330 -16.52 -7.77 1.24
C HIS A 330 -16.13 -8.08 2.68
N CYS A 331 -16.42 -7.17 3.62
CA CYS A 331 -16.05 -7.30 5.01
C CYS A 331 -17.04 -8.20 5.78
N GLY A 332 -18.09 -8.63 5.11
CA GLY A 332 -19.05 -9.54 5.70
C GLY A 332 -19.03 -10.92 5.09
N LEU A 333 -18.07 -11.21 4.24
CA LEU A 333 -17.97 -12.52 3.62
C LEU A 333 -17.49 -13.56 4.64
N GLU A 334 -17.71 -14.83 4.30
CA GLU A 334 -17.32 -15.96 5.13
C GLU A 334 -15.82 -16.05 5.45
N ASP A 335 -14.99 -15.49 4.55
CA ASP A 335 -13.54 -15.53 4.70
C ASP A 335 -12.97 -14.18 5.18
N ALA A 336 -13.82 -13.35 5.77
CA ALA A 336 -13.42 -12.14 6.45
C ALA A 336 -13.62 -12.37 7.94
N LEU A 337 -12.63 -12.04 8.73
CA LEU A 337 -12.72 -12.19 10.18
C LEU A 337 -13.70 -11.20 10.78
N LYS A 338 -14.59 -11.71 11.65
CA LYS A 338 -15.76 -11.00 12.14
C LYS A 338 -15.91 -11.30 13.63
N PRO A 339 -16.33 -10.35 14.46
CA PRO A 339 -16.71 -8.99 14.09
C PRO A 339 -15.49 -8.10 14.01
N ALA A 340 -15.54 -7.18 13.05
CA ALA A 340 -14.43 -6.29 12.75
C ALA A 340 -14.84 -4.84 13.04
N PRO A 341 -13.95 -4.05 13.63
CA PRO A 341 -14.29 -2.64 13.95
C PRO A 341 -14.22 -1.72 12.71
N GLU A 342 -14.33 -0.41 12.92
CA GLU A 342 -14.27 0.49 11.76
C GLU A 342 -12.87 0.45 11.13
N ALA A 343 -12.81 0.77 9.84
CA ALA A 343 -11.52 0.84 9.11
C ALA A 343 -10.48 1.64 9.88
N GLY A 344 -9.29 1.10 9.98
CA GLY A 344 -8.18 1.75 10.66
C GLY A 344 -8.11 1.51 12.15
N GLN A 345 -9.23 1.13 12.76
CA GLN A 345 -9.26 0.86 14.19
C GLN A 345 -8.56 -0.46 14.50
N TRP A 346 -8.02 -0.60 15.69
CA TRP A 346 -7.27 -1.80 16.02
C TRP A 346 -8.22 -2.99 16.10
N PHE A 347 -7.80 -4.10 15.47
CA PHE A 347 -8.59 -5.33 15.39
C PHE A 347 -7.70 -6.41 15.99
N ASN A 348 -7.78 -6.59 17.31
CA ASN A 348 -6.78 -7.35 18.01
C ASN A 348 -6.79 -8.85 17.61
N GLU A 349 -7.98 -9.35 17.34
CA GLU A 349 -8.13 -10.74 16.95
C GLU A 349 -7.47 -10.98 15.61
N TYR A 350 -7.47 -9.95 14.74
CA TYR A 350 -6.77 -10.04 13.47
C TYR A 350 -5.26 -9.98 13.68
N PHE A 351 -4.77 -9.10 14.56
CA PHE A 351 -3.35 -9.03 14.87
C PHE A 351 -2.85 -10.38 15.35
N ILE A 352 -3.62 -10.98 16.27
CA ILE A 352 -3.20 -12.27 16.85
C ILE A 352 -3.17 -13.37 15.77
N GLN A 353 -4.18 -13.38 14.88
CA GLN A 353 -4.12 -14.26 13.68
C GLN A 353 -2.82 -14.09 12.90
N LEU A 354 -2.47 -12.83 12.59
CA LEU A 354 -1.24 -12.57 11.85
C LEU A 354 0.04 -13.00 12.59
N LEU A 355 0.02 -12.77 13.91
CA LEU A 355 1.18 -13.14 14.73
C LEU A 355 1.38 -14.66 14.80
N ARG A 356 0.29 -15.35 15.05
CA ARG A 356 0.29 -16.84 15.11
C ARG A 356 0.73 -17.44 13.80
N ASN A 357 0.32 -16.82 12.68
CA ASN A 357 0.64 -17.34 11.36
C ASN A 357 1.87 -16.72 10.72
N ALA A 358 2.65 -15.98 11.48
CA ALA A 358 3.81 -15.31 10.88
C ALA A 358 4.82 -16.25 10.25
N ASN A 359 5.34 -15.89 9.09
CA ASN A 359 6.35 -16.66 8.39
C ASN A 359 7.21 -15.73 7.59
N PRO A 360 8.50 -15.61 7.86
CA PRO A 360 9.22 -16.32 8.95
C PRO A 360 8.68 -15.99 10.32
N PRO A 361 8.89 -16.89 11.26
CA PRO A 361 8.37 -16.64 12.60
C PRO A 361 9.12 -15.48 13.26
N PHE A 362 8.48 -14.78 14.18
CA PHE A 362 9.18 -13.79 14.98
C PHE A 362 9.88 -14.47 16.15
C1 MA3 B . -10.57 -8.81 -12.16
C2 MA3 B . -11.01 -7.45 -11.70
C3 MA3 B . -10.23 -6.91 -10.53
C4 MA3 B . -9.89 -7.96 -9.48
C5 MA3 B . -9.62 -9.38 -9.99
C6 MA3 B . -9.56 -10.49 -8.94
C7 MA3 B . -8.60 -9.59 -13.31
O1 MA3 B . -9.21 -8.48 -12.63
O2 MA3 B . -11.18 -6.53 -12.77
O3 MA3 B . -10.87 -5.75 -9.98
S4 MA3 B . -8.59 -7.50 -8.35
O5 MA3 B . -10.35 -9.73 -11.16
O6 MA3 B . -8.75 -11.60 -9.36
C1 SGC B . -9.34 -6.62 -7.05
C2 SGC B . -8.53 -6.57 -5.81
O2 SGC B . -8.02 -7.83 -5.43
C3 SGC B . -9.14 -5.77 -4.73
O3 SGC B . -8.21 -5.56 -3.70
C4 SGC B . -9.88 -4.50 -5.19
C5 SGC B . -10.58 -4.59 -6.52
O5 SGC B . -9.91 -5.41 -7.47
C6 SGC B . -10.91 -3.26 -7.14
O6 SGC B . -11.67 -3.51 -8.32
S4 SGC B . -11.02 -3.92 -3.93
C1 SSG B . -10.11 -2.79 -2.91
C2 SSG B . -10.80 -1.75 -2.08
O2 SSG B . -11.69 -1.01 -2.89
C3 SSG B . -9.92 -0.92 -1.21
O3 SSG B . -10.76 -0.28 -0.27
C4 SSG B . -8.68 -1.64 -0.71
C5 SSG B . -8.04 -2.63 -1.64
O5 SSG B . -8.96 -3.36 -2.38
C6 SSG B . -6.93 -3.55 -1.14
O6 SSG B . -7.25 -4.03 0.15
S4 SSG B . -7.56 -0.51 0.05
C1 SSG B . -8.18 -0.40 1.73
C2 SSG B . -7.53 -1.24 2.76
O2 SSG B . -7.76 -2.61 2.53
C3 SSG B . -7.77 -0.76 4.14
O3 SSG B . -6.94 -1.43 5.01
C4 SSG B . -7.86 0.73 4.34
C5 SSG B . -8.61 1.45 3.26
O5 SSG B . -8.35 0.99 1.96
C6 SSG B . -8.63 2.96 3.31
O6 SSG B . -7.31 3.43 3.38
S4 SSG B . -8.35 1.19 5.99
C2 BGC B . -7.77 3.40 7.49
C3 BGC B . -6.68 4.30 8.04
C4 BGC B . -5.42 3.55 8.43
C5 BGC B . -4.99 2.68 7.27
C6 BGC B . -3.77 1.85 7.65
C1 BGC B . -7.21 2.50 6.41
O2 BGC B . -8.78 4.20 6.91
O3 BGC B . -7.18 5.07 9.13
O4 BGC B . -4.39 4.45 8.77
O5 BGC B . -6.05 1.81 6.87
O6 BGC B . -4.21 0.82 8.56
C1 NAG C . -8.16 19.77 3.40
C2 NAG C . -9.34 20.74 3.29
C3 NAG C . -8.87 22.18 3.29
C4 NAG C . -7.91 22.46 4.44
C5 NAG C . -6.78 21.42 4.40
C6 NAG C . -5.78 21.59 5.52
C7 NAG C . -11.38 20.28 2.03
C8 NAG C . -11.99 20.09 0.68
N2 NAG C . -10.06 20.45 2.08
O3 NAG C . -9.98 23.05 3.40
O4 NAG C . -7.37 23.76 4.23
O5 NAG C . -7.35 20.14 4.52
O6 NAG C . -4.71 20.66 5.34
O7 NAG C . -12.09 20.39 3.02
MG MG D . 14.63 -16.58 -11.96
C ACY E . 14.49 -0.93 8.93
O ACY E . 14.69 0.13 9.59
OXT ACY E . 14.05 -2.03 9.44
CH3 ACY E . 14.88 -0.88 7.49
#